data_3JRR
#
_entry.id   3JRR
#
_cell.length_a   79.441
_cell.length_b   59.865
_cell.length_c   111.399
_cell.angle_alpha   90.000
_cell.angle_beta   97.877
_cell.angle_gamma   90.000
#
_symmetry.space_group_name_H-M   'C 1 2 1'
#
loop_
_entity.id
_entity.type
_entity.pdbx_description
1 polymer 'Inositol 1,4,5-trisphosphate receptor type 3'
2 water water
#
_entity_poly.entity_id   1
_entity_poly.type   'polypeptide(L)'
_entity_poly.pdbx_seq_one_letter_code
;GSMNEMSSFLHIGDIVSLYAEGSVNGFISTLGLVDDRCVVEPAAGDLDNPPKKFRDCLFKVCPMNRYSAQKQYWKAKQTK
QDKEKIADVVLLQKLQHAAQMEQKQNDTENKKVHGDVVKYGSVIQLLHMKSNKYLTVNKRLPALLEKNAMRVTLDATGNE
GSWLFIQPFWKLRSNGDNVVVGDKVILNPVNAGQPLHASNYELSDNAGCKEVNSVNCNTSWKINLF
;
_entity_poly.pdbx_strand_id   A,B
#
# COMPACT_ATOMS: atom_id res chain seq x y z
N ASN A 4 -12.85 -29.08 -16.38
CA ASN A 4 -11.67 -28.94 -15.54
C ASN A 4 -11.17 -27.50 -15.46
N GLU A 5 -11.97 -26.55 -15.98
CA GLU A 5 -11.56 -25.15 -15.96
C GLU A 5 -12.32 -24.30 -14.94
N MET A 6 -13.24 -24.90 -14.21
CA MET A 6 -14.03 -24.18 -13.22
C MET A 6 -13.20 -23.56 -12.10
N SER A 7 -13.74 -22.49 -11.52
CA SER A 7 -13.08 -21.78 -10.42
C SER A 7 -13.94 -20.61 -9.97
N SER A 8 -13.56 -19.98 -8.88
CA SER A 8 -14.29 -18.83 -8.37
C SER A 8 -13.30 -17.83 -7.79
N PHE A 9 -13.72 -16.57 -7.72
CA PHE A 9 -12.86 -15.52 -7.19
C PHE A 9 -13.07 -15.25 -5.72
N LEU A 10 -12.03 -14.76 -5.06
CA LEU A 10 -12.09 -14.41 -3.65
C LEU A 10 -12.80 -13.06 -3.60
N HIS A 11 -13.73 -12.91 -2.65
CA HIS A 11 -14.48 -11.66 -2.51
C HIS A 11 -14.39 -11.13 -1.09
N ILE A 12 -14.50 -9.81 -0.95
CA ILE A 12 -14.48 -9.18 0.35
C ILE A 12 -15.71 -9.74 1.09
N GLY A 13 -15.50 -10.25 2.30
CA GLY A 13 -16.61 -10.81 3.05
C GLY A 13 -16.61 -12.33 3.07
N ASP A 14 -15.79 -12.95 2.22
CA ASP A 14 -15.70 -14.40 2.18
C ASP A 14 -15.05 -14.92 3.45
N ILE A 15 -15.45 -16.11 3.88
CA ILE A 15 -14.89 -16.74 5.06
C ILE A 15 -13.93 -17.82 4.55
N VAL A 16 -12.68 -17.72 4.94
CA VAL A 16 -11.67 -18.64 4.45
C VAL A 16 -10.73 -19.20 5.49
N SER A 17 -10.01 -20.25 5.08
CA SER A 17 -9.00 -20.87 5.92
C SER A 17 -7.73 -20.59 5.11
N LEU A 18 -6.60 -20.50 5.80
CA LEU A 18 -5.34 -20.22 5.13
C LEU A 18 -4.36 -21.33 5.48
N TYR A 19 -3.93 -22.08 4.47
CA TYR A 19 -3.02 -23.19 4.67
C TYR A 19 -1.60 -22.80 4.28
N ALA A 20 -0.72 -22.78 5.27
CA ALA A 20 0.66 -22.40 5.04
C ALA A 20 1.57 -23.52 4.56
N GLU A 21 2.59 -23.10 3.83
CA GLU A 21 3.61 -23.98 3.32
C GLU A 21 4.90 -23.17 3.35
N GLY A 22 5.57 -23.22 4.50
CA GLY A 22 6.81 -22.51 4.70
C GLY A 22 7.78 -23.40 5.44
N SER A 23 8.24 -22.96 6.61
CA SER A 23 9.16 -23.77 7.40
C SER A 23 8.42 -25.04 7.78
N VAL A 24 7.10 -24.91 7.91
CA VAL A 24 6.23 -26.03 8.25
C VAL A 24 4.95 -25.85 7.44
N ASN A 25 4.12 -26.89 7.39
CA ASN A 25 2.87 -26.81 6.67
C ASN A 25 1.70 -26.97 7.64
N GLY A 26 0.61 -26.25 7.40
CA GLY A 26 -0.55 -26.35 8.28
C GLY A 26 -1.40 -25.10 8.25
N PHE A 27 -2.62 -25.19 8.78
CA PHE A 27 -3.53 -24.05 8.83
C PHE A 27 -3.14 -23.08 9.93
N ILE A 28 -3.32 -21.79 9.69
CA ILE A 28 -3.02 -20.82 10.72
C ILE A 28 -4.22 -20.84 11.66
N SER A 29 -3.95 -20.99 12.95
CA SER A 29 -5.04 -21.05 13.94
C SER A 29 -4.70 -20.22 15.17
N THR A 30 -5.56 -20.30 16.19
CA THR A 30 -5.37 -19.54 17.42
C THR A 30 -5.37 -20.45 18.65
N LEU A 31 -5.15 -19.85 19.81
CA LEU A 31 -5.11 -20.59 21.06
C LEU A 31 -6.25 -20.24 22.01
N GLY A 32 -7.22 -19.48 21.53
CA GLY A 32 -8.35 -19.12 22.38
C GLY A 32 -8.90 -17.72 22.17
N LEU A 33 -9.90 -17.37 22.98
CA LEU A 33 -10.55 -16.07 22.90
C LEU A 33 -9.73 -14.95 23.53
N VAL A 34 -8.76 -15.30 24.35
CA VAL A 34 -7.93 -14.29 25.02
C VAL A 34 -6.52 -14.23 24.48
N ASP A 35 -5.87 -15.39 24.37
CA ASP A 35 -4.51 -15.49 23.86
C ASP A 35 -4.44 -14.80 22.49
N ASP A 36 -3.49 -13.89 22.31
CA ASP A 36 -3.37 -13.19 21.05
C ASP A 36 -2.39 -13.79 20.04
N ARG A 37 -1.79 -14.92 20.37
CA ARG A 37 -0.84 -15.56 19.49
C ARG A 37 -1.47 -16.34 18.33
N CYS A 38 -0.77 -16.33 17.20
CA CYS A 38 -1.21 -17.06 16.01
C CYS A 38 -0.22 -18.19 15.79
N VAL A 39 -0.74 -19.36 15.45
CA VAL A 39 0.12 -20.51 15.25
C VAL A 39 -0.31 -21.39 14.08
N VAL A 40 0.52 -22.39 13.82
CA VAL A 40 0.27 -23.38 12.80
C VAL A 40 0.57 -24.71 13.49
N GLU A 41 -0.39 -25.62 13.49
CA GLU A 41 -0.18 -26.93 14.11
C GLU A 41 -0.18 -27.96 12.98
N PRO A 42 0.99 -28.21 12.38
CA PRO A 42 1.12 -29.16 11.27
C PRO A 42 0.47 -30.53 11.46
N ALA A 43 0.63 -31.12 12.64
CA ALA A 43 0.06 -32.44 12.91
C ALA A 43 -1.46 -32.42 13.06
N ALA A 44 -2.02 -31.26 13.37
CA ALA A 44 -3.47 -31.12 13.54
C ALA A 44 -4.22 -31.59 12.30
N GLY A 45 -3.65 -31.34 11.12
CA GLY A 45 -4.29 -31.74 9.90
C GLY A 45 -3.80 -30.99 8.68
N ASP A 46 -4.22 -31.46 7.50
CA ASP A 46 -3.84 -30.85 6.24
C ASP A 46 -5.07 -30.64 5.36
N LEU A 47 -4.84 -30.34 4.08
CA LEU A 47 -5.92 -30.10 3.14
C LEU A 47 -6.79 -31.33 2.91
N ASP A 48 -6.16 -32.51 2.91
CA ASP A 48 -6.88 -33.77 2.68
C ASP A 48 -7.57 -34.30 3.95
N ASN A 49 -7.08 -33.86 5.10
CA ASN A 49 -7.63 -34.29 6.38
C ASN A 49 -7.68 -33.10 7.35
N PRO A 50 -8.77 -32.32 7.31
CA PRO A 50 -8.92 -31.15 8.18
C PRO A 50 -8.95 -31.45 9.67
N PRO A 51 -8.29 -30.59 10.48
CA PRO A 51 -8.22 -30.73 11.93
C PRO A 51 -9.60 -30.65 12.58
N LYS A 52 -9.66 -31.00 13.86
CA LYS A 52 -10.91 -30.94 14.61
C LYS A 52 -11.16 -29.47 14.93
N LYS A 53 -12.43 -29.12 15.14
CA LYS A 53 -12.78 -27.74 15.44
C LYS A 53 -12.17 -26.84 14.38
N PHE A 54 -12.26 -27.28 13.14
CA PHE A 54 -11.70 -26.53 12.01
C PHE A 54 -12.30 -25.12 11.93
N ARG A 55 -13.44 -24.90 12.58
CA ARG A 55 -14.09 -23.59 12.57
C ARG A 55 -13.16 -22.53 13.15
N ASP A 56 -12.28 -22.94 14.05
CA ASP A 56 -11.34 -22.02 14.67
C ASP A 56 -10.24 -21.57 13.70
N CYS A 57 -10.22 -22.14 12.50
CA CYS A 57 -9.21 -21.78 11.52
C CYS A 57 -9.75 -20.77 10.51
N LEU A 58 -11.00 -20.34 10.70
CA LEU A 58 -11.63 -19.43 9.77
C LEU A 58 -11.46 -17.93 10.01
N PHE A 59 -11.22 -17.21 8.92
CA PHE A 59 -11.04 -15.76 8.93
C PHE A 59 -11.94 -15.16 7.86
N LYS A 60 -12.39 -13.93 8.09
CA LYS A 60 -13.23 -13.27 7.10
C LYS A 60 -12.35 -12.22 6.42
N VAL A 61 -12.43 -12.15 5.10
CA VAL A 61 -11.63 -11.19 4.35
C VAL A 61 -12.29 -9.82 4.46
N CYS A 62 -11.53 -8.85 4.97
CA CYS A 62 -12.03 -7.50 5.18
C CYS A 62 -11.23 -6.45 4.42
N PRO A 63 -11.83 -5.27 4.22
CA PRO A 63 -11.16 -4.18 3.51
C PRO A 63 -10.18 -3.50 4.46
N MET A 64 -9.38 -2.60 3.91
CA MET A 64 -8.42 -1.84 4.68
C MET A 64 -9.17 -0.74 5.45
N ASN A 65 -9.10 -0.77 6.78
CA ASN A 65 -9.78 0.23 7.60
C ASN A 65 -8.90 1.45 7.87
N ARG A 66 -9.55 2.57 8.17
CA ARG A 66 -8.85 3.81 8.51
C ARG A 66 -8.48 3.73 9.99
N TYR A 67 -7.27 4.12 10.34
CA TYR A 67 -6.84 4.07 11.72
C TYR A 67 -6.09 5.30 12.21
N SER A 68 -5.91 6.29 11.32
CA SER A 68 -5.18 7.52 11.68
C SER A 68 -5.79 8.34 12.82
N ALA A 69 -7.12 8.49 12.83
CA ALA A 69 -7.76 9.26 13.90
C ALA A 69 -7.69 8.49 15.22
N GLN A 70 -7.84 7.17 15.14
CA GLN A 70 -7.79 6.35 16.33
C GLN A 70 -6.40 6.45 16.96
N LYS A 71 -5.36 6.42 16.13
CA LYS A 71 -3.99 6.51 16.60
C LYS A 71 -3.73 7.88 17.22
N GLN A 72 -4.25 8.92 16.56
CA GLN A 72 -4.08 10.29 17.02
C GLN A 72 -4.64 10.44 18.43
N TYR A 73 -5.82 9.87 18.64
CA TYR A 73 -6.50 9.91 19.92
C TYR A 73 -5.68 9.19 20.99
N TRP A 74 -5.10 8.04 20.66
CA TRP A 74 -4.29 7.31 21.62
C TRP A 74 -3.15 8.17 22.14
N LYS A 75 -2.34 8.70 21.22
CA LYS A 75 -1.22 9.54 21.60
C LYS A 75 -1.70 10.68 22.50
N ALA A 76 -2.83 11.29 22.14
CA ALA A 76 -3.39 12.38 22.93
C ALA A 76 -3.68 11.84 24.33
N LYS A 77 -3.94 10.53 24.39
CA LYS A 77 -4.20 9.81 25.63
C LYS A 77 -5.67 9.81 26.04
N LYS A 85 -5.55 22.02 31.87
CA LYS A 85 -5.59 23.04 30.83
C LYS A 85 -6.84 22.83 29.98
N ILE A 86 -7.76 23.78 30.06
CA ILE A 86 -9.01 23.69 29.32
C ILE A 86 -8.86 23.47 27.82
N ALA A 87 -7.90 24.15 27.20
CA ALA A 87 -7.71 23.99 25.75
C ALA A 87 -7.32 22.54 25.40
N ASP A 88 -6.67 21.85 26.33
CA ASP A 88 -6.26 20.48 26.11
C ASP A 88 -7.42 19.51 26.33
N VAL A 89 -8.27 19.80 27.30
CA VAL A 89 -9.41 18.92 27.54
C VAL A 89 -10.33 18.97 26.32
N VAL A 90 -10.49 20.15 25.75
CA VAL A 90 -11.34 20.32 24.57
C VAL A 90 -10.73 19.59 23.37
N LEU A 91 -9.43 19.74 23.22
CA LEU A 91 -8.71 19.09 22.12
C LEU A 91 -8.87 17.58 22.25
N LEU A 92 -8.72 17.07 23.47
CA LEU A 92 -8.83 15.64 23.71
C LEU A 92 -10.23 15.15 23.35
N GLN A 93 -11.24 15.92 23.71
CA GLN A 93 -12.62 15.56 23.41
C GLN A 93 -12.82 15.57 21.89
N LYS A 94 -12.19 16.53 21.21
CA LYS A 94 -12.29 16.64 19.76
C LYS A 94 -11.68 15.40 19.08
N LEU A 95 -10.51 14.98 19.57
CA LEU A 95 -9.84 13.81 19.02
C LEU A 95 -10.62 12.53 19.31
N GLN A 96 -11.26 12.46 20.48
CA GLN A 96 -12.04 11.29 20.83
C GLN A 96 -13.18 11.18 19.83
N HIS A 97 -13.84 12.30 19.57
CA HIS A 97 -14.95 12.32 18.63
C HIS A 97 -14.49 11.93 17.22
N ALA A 98 -13.34 12.47 16.80
CA ALA A 98 -12.83 12.16 15.47
C ALA A 98 -12.54 10.67 15.30
N ALA A 99 -12.09 10.04 16.39
CA ALA A 99 -11.81 8.60 16.38
C ALA A 99 -13.11 7.82 16.24
N GLN A 100 -14.14 8.26 16.95
CA GLN A 100 -15.45 7.63 16.89
C GLN A 100 -16.04 7.74 15.49
N MET A 101 -15.94 8.94 14.91
CA MET A 101 -16.45 9.17 13.56
C MET A 101 -15.71 8.33 12.54
N GLU A 102 -14.42 8.08 12.79
CA GLU A 102 -13.62 7.27 11.89
C GLU A 102 -14.13 5.84 11.94
N GLN A 103 -14.39 5.35 13.15
CA GLN A 103 -14.89 3.99 13.32
C GLN A 103 -16.23 3.82 12.62
N LYS A 104 -17.04 4.88 12.62
CA LYS A 104 -18.34 4.84 11.97
C LYS A 104 -18.17 4.91 10.46
N GLN A 105 -17.13 5.61 10.02
CA GLN A 105 -16.85 5.74 8.61
C GLN A 105 -16.44 4.37 8.06
N ASN A 106 -15.62 3.64 8.83
CA ASN A 106 -15.20 2.31 8.39
C ASN A 106 -16.40 1.37 8.24
N ASP A 107 -17.33 1.42 9.20
CA ASP A 107 -18.52 0.58 9.13
C ASP A 107 -19.26 0.87 7.83
N THR A 108 -19.53 2.16 7.62
CA THR A 108 -20.23 2.62 6.44
C THR A 108 -19.55 2.28 5.12
N GLU A 109 -18.27 2.58 5.01
CA GLU A 109 -17.53 2.33 3.78
C GLU A 109 -17.27 0.86 3.50
N ASN A 110 -17.06 0.06 4.54
CA ASN A 110 -16.80 -1.36 4.35
C ASN A 110 -18.04 -2.06 3.82
N LYS A 111 -19.21 -1.59 4.22
CA LYS A 111 -20.44 -2.20 3.76
C LYS A 111 -20.56 -2.04 2.25
N LYS A 112 -20.15 -0.87 1.75
CA LYS A 112 -20.25 -0.59 0.32
C LYS A 112 -19.38 -1.50 -0.55
N VAL A 113 -18.30 -2.05 0.01
CA VAL A 113 -17.43 -2.91 -0.79
C VAL A 113 -17.64 -4.40 -0.53
N HIS A 114 -18.66 -4.73 0.25
CA HIS A 114 -18.93 -6.14 0.54
C HIS A 114 -19.22 -6.88 -0.77
N GLY A 115 -18.55 -8.02 -0.94
CA GLY A 115 -18.76 -8.80 -2.15
C GLY A 115 -17.85 -8.45 -3.31
N ASP A 116 -17.11 -7.35 -3.21
CA ASP A 116 -16.20 -6.93 -4.28
C ASP A 116 -15.09 -7.96 -4.44
N VAL A 117 -14.66 -8.17 -5.69
CA VAL A 117 -13.59 -9.13 -5.94
C VAL A 117 -12.27 -8.64 -5.37
N VAL A 118 -11.51 -9.56 -4.78
CA VAL A 118 -10.22 -9.22 -4.22
C VAL A 118 -9.18 -9.36 -5.31
N LYS A 119 -8.40 -8.31 -5.51
CA LYS A 119 -7.36 -8.32 -6.53
C LYS A 119 -5.95 -8.38 -5.93
N TYR A 120 -5.06 -9.04 -6.66
CA TYR A 120 -3.67 -9.14 -6.24
C TYR A 120 -3.15 -7.70 -6.20
N GLY A 121 -2.40 -7.38 -5.15
CA GLY A 121 -1.88 -6.02 -5.01
C GLY A 121 -2.72 -5.18 -4.08
N SER A 122 -3.96 -5.63 -3.80
CA SER A 122 -4.83 -4.88 -2.92
C SER A 122 -4.49 -5.14 -1.46
N VAL A 123 -5.05 -4.33 -0.58
CA VAL A 123 -4.83 -4.44 0.84
C VAL A 123 -6.08 -5.01 1.50
N ILE A 124 -5.89 -5.99 2.37
CA ILE A 124 -7.01 -6.59 3.08
C ILE A 124 -6.65 -6.76 4.55
N GLN A 125 -7.66 -7.09 5.35
CA GLN A 125 -7.44 -7.37 6.76
C GLN A 125 -8.10 -8.72 6.96
N LEU A 126 -7.59 -9.52 7.89
CA LEU A 126 -8.16 -10.83 8.13
C LEU A 126 -8.71 -10.87 9.55
N LEU A 127 -10.02 -11.06 9.67
CA LEU A 127 -10.70 -11.09 10.96
C LEU A 127 -10.91 -12.52 11.41
N HIS A 128 -10.27 -12.91 12.50
CA HIS A 128 -10.45 -14.27 13.01
C HIS A 128 -11.89 -14.36 13.53
N MET A 129 -12.67 -15.24 12.91
CA MET A 129 -14.08 -15.42 13.23
C MET A 129 -14.44 -15.65 14.70
N LYS A 130 -13.87 -16.70 15.30
CA LYS A 130 -14.18 -17.05 16.68
C LYS A 130 -13.82 -15.99 17.72
N SER A 131 -12.65 -15.38 17.60
CA SER A 131 -12.23 -14.36 18.57
C SER A 131 -12.64 -12.95 18.20
N ASN A 132 -13.07 -12.77 16.94
CA ASN A 132 -13.48 -11.48 16.41
C ASN A 132 -12.33 -10.48 16.57
N LYS A 133 -11.13 -10.92 16.21
CA LYS A 133 -9.93 -10.09 16.27
C LYS A 133 -9.18 -10.14 14.95
N TYR A 134 -8.56 -9.03 14.59
CA TYR A 134 -7.80 -8.94 13.35
C TYR A 134 -6.36 -9.40 13.53
N LEU A 135 -5.84 -10.04 12.49
CA LEU A 135 -4.45 -10.49 12.49
C LEU A 135 -3.70 -9.17 12.38
N THR A 136 -2.66 -9.00 13.19
CA THR A 136 -1.93 -7.73 13.18
C THR A 136 -0.43 -7.94 13.33
N VAL A 137 0.35 -7.17 12.56
CA VAL A 137 1.80 -7.28 12.58
C VAL A 137 2.39 -5.98 13.12
N ASN A 138 3.15 -6.08 14.21
CA ASN A 138 3.75 -4.91 14.85
C ASN A 138 5.23 -4.80 14.48
N LYS A 139 5.54 -3.90 13.54
CA LYS A 139 6.92 -3.70 13.10
C LYS A 139 7.88 -3.29 14.21
N ARG A 140 7.35 -2.65 15.25
CA ARG A 140 8.19 -2.17 16.34
C ARG A 140 8.29 -3.12 17.54
N LEU A 141 7.92 -4.38 17.33
CA LEU A 141 7.97 -5.35 18.41
C LEU A 141 8.44 -6.73 17.90
N PRO A 142 9.59 -7.19 18.39
CA PRO A 142 10.15 -8.49 17.99
C PRO A 142 9.23 -9.65 18.32
N ALA A 143 9.21 -10.66 17.46
CA ALA A 143 8.38 -11.84 17.70
C ALA A 143 8.80 -12.47 19.02
N LEU A 144 7.92 -13.26 19.61
CA LEU A 144 8.21 -13.90 20.90
C LEU A 144 9.32 -14.94 20.84
N LEU A 145 9.30 -15.78 19.81
CA LEU A 145 10.28 -16.85 19.69
C LEU A 145 11.40 -16.62 18.68
N GLU A 146 11.04 -16.21 17.46
CA GLU A 146 12.06 -15.94 16.44
C GLU A 146 12.41 -14.45 16.55
N LYS A 147 13.34 -14.15 17.45
CA LYS A 147 13.76 -12.78 17.72
C LYS A 147 14.14 -11.86 16.56
N ASN A 148 14.45 -12.41 15.40
CA ASN A 148 14.80 -11.57 14.26
C ASN A 148 13.55 -11.15 13.48
N ALA A 149 12.43 -11.76 13.80
CA ALA A 149 11.17 -11.46 13.13
C ALA A 149 10.33 -10.45 13.90
N MET A 150 9.28 -9.95 13.25
CA MET A 150 8.39 -8.99 13.89
C MET A 150 7.15 -9.74 14.39
N ARG A 151 6.59 -9.28 15.50
CA ARG A 151 5.47 -9.95 16.13
C ARG A 151 4.10 -9.88 15.46
N VAL A 152 3.46 -11.04 15.40
CA VAL A 152 2.12 -11.16 14.82
C VAL A 152 1.17 -11.51 15.96
N THR A 153 0.09 -10.76 16.09
CA THR A 153 -0.91 -11.01 17.13
C THR A 153 -2.33 -10.76 16.62
N LEU A 154 -3.30 -11.15 17.43
CA LEU A 154 -4.72 -10.93 17.15
C LEU A 154 -5.08 -9.68 17.95
N ASP A 155 -5.78 -8.75 17.33
CA ASP A 155 -6.16 -7.50 17.99
C ASP A 155 -7.61 -7.19 17.65
N ALA A 156 -8.44 -6.99 18.67
CA ALA A 156 -9.86 -6.71 18.45
C ALA A 156 -10.15 -5.52 17.53
N THR A 157 -9.53 -4.38 17.79
CA THR A 157 -9.78 -3.19 16.98
C THR A 157 -8.91 -3.18 15.73
N GLY A 158 -7.74 -3.78 15.84
CA GLY A 158 -6.82 -3.78 14.73
C GLY A 158 -6.24 -2.39 14.60
N ASN A 159 -5.27 -2.25 13.72
CA ASN A 159 -4.63 -0.96 13.49
C ASN A 159 -3.90 -1.05 12.16
N GLU A 160 -3.02 -0.09 11.89
CA GLU A 160 -2.27 -0.06 10.65
C GLU A 160 -1.51 -1.37 10.44
N GLY A 161 -1.19 -2.04 11.53
CA GLY A 161 -0.46 -3.29 11.44
C GLY A 161 -1.31 -4.43 10.91
N SER A 162 -2.62 -4.20 10.80
CA SER A 162 -3.55 -5.21 10.30
C SER A 162 -3.62 -5.23 8.77
N TRP A 163 -3.13 -4.17 8.13
CA TRP A 163 -3.15 -4.10 6.67
C TRP A 163 -2.19 -5.09 6.05
N LEU A 164 -2.70 -5.89 5.12
CA LEU A 164 -1.90 -6.90 4.44
C LEU A 164 -2.05 -6.82 2.93
N PHE A 165 -0.92 -6.82 2.21
CA PHE A 165 -0.96 -6.83 0.76
C PHE A 165 -1.14 -8.30 0.41
N ILE A 166 -2.04 -8.62 -0.52
CA ILE A 166 -2.18 -10.00 -0.93
C ILE A 166 -1.45 -10.04 -2.27
N GLN A 167 -0.30 -10.69 -2.30
CA GLN A 167 0.53 -10.71 -3.50
C GLN A 167 0.69 -12.05 -4.21
N PRO A 168 1.04 -12.02 -5.51
CA PRO A 168 1.22 -13.25 -6.31
C PRO A 168 2.31 -14.16 -5.78
N PHE A 169 2.07 -15.46 -5.84
CA PHE A 169 3.05 -16.47 -5.42
C PHE A 169 3.44 -17.25 -6.67
N TRP A 170 2.48 -17.38 -7.59
CA TRP A 170 2.70 -18.11 -8.84
C TRP A 170 2.88 -17.18 -10.04
N LYS A 171 3.61 -17.67 -11.03
CA LYS A 171 3.86 -16.91 -12.25
C LYS A 171 2.60 -16.42 -12.96
N LEU A 172 1.59 -17.28 -13.07
CA LEU A 172 0.36 -16.91 -13.77
C LEU A 172 -0.47 -15.77 -13.17
N ARG A 173 -0.12 -15.33 -11.97
CA ARG A 173 -0.84 -14.22 -11.35
C ARG A 173 0.01 -12.96 -11.32
N SER A 174 -0.61 -11.83 -11.62
CA SER A 174 0.08 -10.54 -11.61
C SER A 174 -0.75 -9.52 -10.84
N ASN A 175 -0.12 -8.41 -10.47
CA ASN A 175 -0.82 -7.35 -9.76
C ASN A 175 -2.03 -6.95 -10.60
N GLY A 176 -3.19 -6.81 -9.96
CA GLY A 176 -4.37 -6.43 -10.70
C GLY A 176 -5.26 -7.60 -11.10
N ASP A 177 -4.71 -8.82 -11.09
CA ASP A 177 -5.51 -10.00 -11.44
C ASP A 177 -6.41 -10.31 -10.25
N ASN A 178 -7.54 -10.96 -10.50
CA ASN A 178 -8.44 -11.34 -9.42
C ASN A 178 -7.76 -12.50 -8.68
N VAL A 179 -7.91 -12.56 -7.36
CA VAL A 179 -7.33 -13.66 -6.61
C VAL A 179 -8.31 -14.81 -6.81
N VAL A 180 -7.80 -15.98 -7.19
CA VAL A 180 -8.65 -17.12 -7.42
C VAL A 180 -8.66 -18.06 -6.21
N VAL A 181 -9.85 -18.50 -5.83
CA VAL A 181 -9.99 -19.41 -4.70
C VAL A 181 -9.06 -20.58 -4.94
N GLY A 182 -8.34 -21.01 -3.91
CA GLY A 182 -7.41 -22.11 -4.07
C GLY A 182 -6.00 -21.64 -4.37
N ASP A 183 -5.85 -20.36 -4.68
CA ASP A 183 -4.53 -19.79 -4.98
C ASP A 183 -3.60 -19.78 -3.76
N LYS A 184 -2.30 -19.97 -4.03
CA LYS A 184 -1.31 -19.87 -2.98
C LYS A 184 -0.90 -18.41 -3.15
N VAL A 185 -0.91 -17.64 -2.06
CA VAL A 185 -0.57 -16.24 -2.14
C VAL A 185 0.47 -15.86 -1.10
N ILE A 186 1.01 -14.66 -1.23
CA ILE A 186 1.96 -14.14 -0.27
C ILE A 186 1.22 -13.05 0.49
N LEU A 187 1.21 -13.13 1.81
CA LEU A 187 0.55 -12.11 2.61
C LEU A 187 1.67 -11.25 3.17
N ASN A 188 1.72 -10.00 2.70
CA ASN A 188 2.76 -9.08 3.11
C ASN A 188 2.22 -7.87 3.86
N PRO A 189 2.41 -7.83 5.20
CA PRO A 189 1.92 -6.68 5.96
C PRO A 189 2.47 -5.37 5.43
N VAL A 190 1.58 -4.41 5.18
CA VAL A 190 1.94 -3.11 4.65
C VAL A 190 3.01 -2.36 5.47
N ASN A 191 2.80 -2.25 6.78
CA ASN A 191 3.74 -1.53 7.62
C ASN A 191 5.01 -2.34 7.92
N ALA A 192 4.86 -3.59 8.36
CA ALA A 192 6.02 -4.42 8.69
C ALA A 192 7.01 -4.57 7.53
N GLY A 193 6.50 -4.78 6.32
CA GLY A 193 7.37 -4.91 5.17
C GLY A 193 7.91 -6.29 4.85
N GLN A 194 7.64 -7.27 5.71
CA GLN A 194 8.09 -8.65 5.48
C GLN A 194 6.87 -9.58 5.56
N PRO A 195 6.79 -10.56 4.66
CA PRO A 195 5.66 -11.49 4.64
C PRO A 195 5.35 -12.32 5.90
N LEU A 196 4.09 -12.74 6.00
CA LEU A 196 3.65 -13.57 7.12
C LEU A 196 4.39 -14.87 6.94
N HIS A 197 5.00 -15.32 8.03
CA HIS A 197 5.83 -16.51 8.02
C HIS A 197 5.37 -17.63 8.95
N ALA A 198 5.34 -18.85 8.42
CA ALA A 198 4.98 -20.01 9.22
C ALA A 198 6.34 -20.58 9.64
N SER A 199 6.78 -20.22 10.85
CA SER A 199 8.09 -20.67 11.35
C SER A 199 8.06 -22.06 11.93
N ASN A 200 9.24 -22.57 12.28
CA ASN A 200 9.34 -23.88 12.89
C ASN A 200 9.69 -23.71 14.36
N TYR A 201 9.31 -22.57 14.94
CA TYR A 201 9.57 -22.31 16.36
C TYR A 201 8.42 -22.84 17.20
N GLU A 202 8.70 -23.92 17.93
CA GLU A 202 7.74 -24.59 18.79
C GLU A 202 7.37 -23.80 20.05
N LEU A 203 6.09 -23.72 20.35
CA LEU A 203 5.63 -23.02 21.56
C LEU A 203 5.83 -23.95 22.75
N SER A 204 6.43 -23.45 23.82
CA SER A 204 6.70 -24.25 24.99
C SER A 204 5.47 -24.70 25.76
N ASP A 205 4.38 -23.94 25.67
CA ASP A 205 3.16 -24.28 26.39
C ASP A 205 2.08 -24.93 25.52
N ASN A 206 2.40 -25.17 24.25
CA ASN A 206 1.46 -25.81 23.33
C ASN A 206 2.23 -26.70 22.37
N ALA A 207 2.51 -27.92 22.79
CA ALA A 207 3.25 -28.88 21.97
C ALA A 207 2.65 -29.05 20.58
N GLY A 208 3.50 -29.03 19.57
CA GLY A 208 3.05 -29.20 18.20
C GLY A 208 2.70 -27.90 17.49
N CYS A 209 2.55 -26.82 18.24
CA CYS A 209 2.20 -25.53 17.65
C CYS A 209 3.43 -24.69 17.34
N LYS A 210 3.45 -24.09 16.14
CA LYS A 210 4.58 -23.28 15.70
C LYS A 210 4.19 -21.81 15.57
N GLU A 211 5.10 -20.93 15.97
CA GLU A 211 4.87 -19.50 15.91
C GLU A 211 4.71 -18.96 14.50
N VAL A 212 3.73 -18.10 14.32
CA VAL A 212 3.53 -17.42 13.04
C VAL A 212 4.07 -16.02 13.31
N ASN A 213 4.96 -15.54 12.46
CA ASN A 213 5.52 -14.21 12.65
C ASN A 213 5.70 -13.51 11.30
N SER A 214 6.40 -12.38 11.30
CA SER A 214 6.64 -11.63 10.08
C SER A 214 8.14 -11.49 9.85
N VAL A 215 8.63 -12.00 8.73
CA VAL A 215 10.05 -11.92 8.44
C VAL A 215 10.32 -12.38 7.01
N ASN A 216 11.47 -11.97 6.46
CA ASN A 216 11.82 -12.37 5.10
C ASN A 216 11.73 -13.89 4.98
N CYS A 217 10.84 -14.38 4.12
CA CYS A 217 10.66 -15.82 3.96
C CYS A 217 10.01 -16.16 2.63
N ASN A 218 9.77 -17.45 2.39
CA ASN A 218 9.15 -17.91 1.16
C ASN A 218 7.81 -18.59 1.41
N THR A 219 7.20 -18.31 2.57
CA THR A 219 5.92 -18.93 2.92
C THR A 219 4.77 -18.53 2.02
N SER A 220 4.00 -19.52 1.59
CA SER A 220 2.82 -19.27 0.76
C SER A 220 1.60 -19.63 1.61
N TRP A 221 0.47 -19.03 1.30
CA TRP A 221 -0.76 -19.31 2.04
C TRP A 221 -1.85 -19.65 1.03
N LYS A 222 -2.38 -20.87 1.13
CA LYS A 222 -3.42 -21.32 0.22
C LYS A 222 -4.78 -20.94 0.81
N ILE A 223 -5.49 -20.10 0.08
CA ILE A 223 -6.78 -19.61 0.53
C ILE A 223 -7.92 -20.45 0.00
N ASN A 224 -8.71 -21.02 0.91
CA ASN A 224 -9.84 -21.84 0.52
C ASN A 224 -11.11 -21.40 1.22
N LEU A 225 -12.24 -21.58 0.54
CA LEU A 225 -13.54 -21.24 1.08
C LEU A 225 -13.91 -22.33 2.08
N PHE A 226 -15.05 -22.18 2.74
CA PHE A 226 -15.47 -23.17 3.73
C PHE A 226 -16.56 -24.11 3.19
N MET B 6 1.56 17.14 19.37
CA MET B 6 1.75 15.76 18.94
C MET B 6 1.99 15.72 17.44
N SER B 7 2.87 14.82 17.00
CA SER B 7 3.18 14.70 15.58
C SER B 7 3.82 13.36 15.23
N SER B 8 3.61 12.95 13.98
CA SER B 8 4.15 11.71 13.46
C SER B 8 4.96 12.08 12.22
N PHE B 9 6.01 11.32 11.93
CA PHE B 9 6.84 11.59 10.76
C PHE B 9 6.40 10.71 9.60
N LEU B 10 6.72 11.14 8.38
CA LEU B 10 6.38 10.39 7.18
C LEU B 10 7.51 9.38 6.95
N HIS B 11 7.15 8.15 6.59
CA HIS B 11 8.14 7.11 6.35
C HIS B 11 7.95 6.47 4.99
N ILE B 12 9.02 5.92 4.44
CA ILE B 12 8.97 5.23 3.16
C ILE B 12 8.04 4.05 3.41
N GLY B 13 7.07 3.83 2.53
CA GLY B 13 6.16 2.72 2.70
C GLY B 13 4.82 3.13 3.26
N ASP B 14 4.71 4.36 3.76
CA ASP B 14 3.43 4.83 4.30
C ASP B 14 2.43 5.00 3.17
N ILE B 15 1.15 4.84 3.50
CA ILE B 15 0.10 5.01 2.51
C ILE B 15 -0.55 6.34 2.85
N VAL B 16 -0.60 7.24 1.88
CA VAL B 16 -1.12 8.58 2.14
C VAL B 16 -2.04 9.13 1.07
N SER B 17 -2.73 10.19 1.44
CA SER B 17 -3.62 10.92 0.53
C SER B 17 -2.91 12.26 0.38
N LEU B 18 -3.11 12.92 -0.75
CA LEU B 18 -2.48 14.22 -1.01
C LEU B 18 -3.56 15.25 -1.30
N TYR B 19 -3.70 16.20 -0.38
CA TYR B 19 -4.71 17.24 -0.54
C TYR B 19 -4.08 18.49 -1.12
N ALA B 20 -4.48 18.85 -2.33
CA ALA B 20 -3.95 20.01 -3.00
C ALA B 20 -4.64 21.30 -2.65
N GLU B 21 -3.86 22.36 -2.67
CA GLU B 21 -4.33 23.72 -2.45
C GLU B 21 -3.60 24.52 -3.50
N GLY B 22 -4.24 24.66 -4.67
CA GLY B 22 -3.66 25.40 -5.78
C GLY B 22 -4.73 26.18 -6.52
N SER B 23 -4.80 26.03 -7.84
CA SER B 23 -5.82 26.74 -8.61
C SER B 23 -7.18 26.25 -8.13
N VAL B 24 -7.19 25.03 -7.59
CA VAL B 24 -8.39 24.41 -7.03
C VAL B 24 -7.90 23.64 -5.81
N ASN B 25 -8.82 23.22 -4.95
CA ASN B 25 -8.46 22.45 -3.76
C ASN B 25 -9.13 21.09 -3.80
N GLY B 26 -8.42 20.05 -3.37
CA GLY B 26 -8.98 18.72 -3.37
C GLY B 26 -7.91 17.66 -3.40
N PHE B 27 -8.31 16.40 -3.29
CA PHE B 27 -7.37 15.30 -3.31
C PHE B 27 -7.00 14.93 -4.75
N ILE B 28 -5.76 14.49 -4.96
CA ILE B 28 -5.36 14.06 -6.29
C ILE B 28 -5.84 12.62 -6.41
N SER B 29 -6.50 12.32 -7.52
CA SER B 29 -7.01 10.97 -7.77
C SER B 29 -6.85 10.59 -9.24
N THR B 30 -7.42 9.46 -9.61
CA THR B 30 -7.32 8.99 -11.00
C THR B 30 -8.69 8.77 -11.60
N LEU B 31 -8.72 8.33 -12.85
CA LEU B 31 -9.97 8.07 -13.56
C LEU B 31 -10.17 6.58 -13.80
N GLY B 32 -9.42 5.76 -13.08
CA GLY B 32 -9.57 4.32 -13.25
C GLY B 32 -8.25 3.57 -13.21
N LEU B 33 -8.30 2.28 -13.53
CA LEU B 33 -7.11 1.44 -13.51
C LEU B 33 -6.27 1.50 -14.79
N VAL B 34 -6.85 2.04 -15.87
CA VAL B 34 -6.12 2.10 -17.14
C VAL B 34 -5.76 3.52 -17.58
N ASP B 35 -6.72 4.43 -17.49
CA ASP B 35 -6.53 5.82 -17.89
C ASP B 35 -5.35 6.36 -17.10
N ASP B 36 -4.37 6.94 -17.78
CA ASP B 36 -3.19 7.45 -17.09
C ASP B 36 -3.24 8.91 -16.67
N ARG B 37 -4.42 9.51 -16.70
CA ARG B 37 -4.56 10.91 -16.31
C ARG B 37 -4.76 11.09 -14.80
N CYS B 38 -4.16 12.14 -14.23
CA CYS B 38 -4.29 12.44 -12.80
C CYS B 38 -5.15 13.69 -12.69
N VAL B 39 -6.10 13.68 -11.77
CA VAL B 39 -6.99 14.82 -11.62
C VAL B 39 -7.32 15.15 -10.18
N VAL B 40 -7.94 16.31 -9.99
CA VAL B 40 -8.40 16.73 -8.67
C VAL B 40 -9.88 17.05 -8.88
N GLU B 41 -10.74 16.53 -8.02
CA GLU B 41 -12.17 16.77 -8.13
C GLU B 41 -12.61 17.51 -6.87
N PRO B 42 -12.48 18.85 -6.88
CA PRO B 42 -12.85 19.69 -5.74
C PRO B 42 -14.21 19.49 -5.10
N ALA B 43 -15.24 19.27 -5.91
CA ALA B 43 -16.59 19.07 -5.38
C ALA B 43 -16.76 17.73 -4.67
N ALA B 44 -15.89 16.78 -4.99
CA ALA B 44 -15.96 15.44 -4.39
C ALA B 44 -15.82 15.45 -2.87
N GLY B 45 -14.88 16.23 -2.35
CA GLY B 45 -14.70 16.27 -0.91
C GLY B 45 -13.47 17.05 -0.47
N ASP B 46 -13.37 17.30 0.83
CA ASP B 46 -12.25 18.03 1.40
C ASP B 46 -11.72 17.35 2.65
N LEU B 47 -10.90 18.06 3.40
CA LEU B 47 -10.31 17.50 4.62
C LEU B 47 -11.36 17.19 5.69
N ASP B 48 -12.43 17.98 5.72
CA ASP B 48 -13.49 17.78 6.71
C ASP B 48 -14.56 16.82 6.20
N ASN B 49 -14.70 16.73 4.89
CA ASN B 49 -15.68 15.85 4.28
C ASN B 49 -15.02 14.97 3.21
N PRO B 50 -14.70 13.72 3.56
CA PRO B 50 -14.06 12.78 2.65
C PRO B 50 -14.95 12.31 1.50
N PRO B 51 -14.40 12.30 0.28
CA PRO B 51 -15.14 11.88 -0.92
C PRO B 51 -15.42 10.38 -0.92
N LYS B 52 -16.36 9.96 -1.76
CA LYS B 52 -16.71 8.55 -1.87
C LYS B 52 -15.54 7.82 -2.51
N LYS B 53 -15.39 6.53 -2.18
CA LYS B 53 -14.29 5.74 -2.74
C LYS B 53 -12.98 6.50 -2.52
N PHE B 54 -12.77 6.93 -1.29
CA PHE B 54 -11.56 7.66 -0.94
C PHE B 54 -10.34 6.77 -1.16
N ARG B 55 -10.57 5.46 -1.11
CA ARG B 55 -9.51 4.47 -1.31
C ARG B 55 -8.74 4.72 -2.61
N ASP B 56 -9.38 5.39 -3.57
CA ASP B 56 -8.71 5.66 -4.85
C ASP B 56 -7.84 6.92 -4.84
N CYS B 57 -7.75 7.56 -3.68
CA CYS B 57 -6.92 8.76 -3.55
C CYS B 57 -5.62 8.38 -2.87
N LEU B 58 -5.45 7.10 -2.55
CA LEU B 58 -4.27 6.65 -1.83
C LEU B 58 -3.03 6.32 -2.66
N PHE B 59 -1.90 6.82 -2.17
CA PHE B 59 -0.59 6.65 -2.80
C PHE B 59 0.40 6.09 -1.78
N LYS B 60 1.34 5.27 -2.24
CA LYS B 60 2.36 4.73 -1.36
C LYS B 60 3.66 5.51 -1.59
N VAL B 61 4.32 5.91 -0.50
CA VAL B 61 5.57 6.65 -0.57
C VAL B 61 6.69 5.64 -0.85
N CYS B 62 7.39 5.84 -1.96
CA CYS B 62 8.46 4.95 -2.36
C CYS B 62 9.79 5.68 -2.52
N PRO B 63 10.90 4.92 -2.51
CA PRO B 63 12.23 5.50 -2.65
C PRO B 63 12.50 5.80 -4.12
N MET B 64 13.64 6.45 -4.38
CA MET B 64 14.08 6.79 -5.73
C MET B 64 14.63 5.53 -6.39
N ASN B 65 14.03 5.11 -7.49
CA ASN B 65 14.48 3.92 -8.22
C ASN B 65 15.49 4.24 -9.30
N ARG B 66 16.33 3.26 -9.64
CA ARG B 66 17.33 3.41 -10.69
C ARG B 66 16.59 3.17 -12.00
N TYR B 67 16.82 4.02 -13.00
CA TYR B 67 16.14 3.85 -14.29
C TYR B 67 17.06 3.97 -15.50
N SER B 68 18.35 4.21 -15.28
CA SER B 68 19.31 4.36 -16.37
C SER B 68 19.29 3.21 -17.38
N ALA B 69 19.50 1.99 -16.89
CA ALA B 69 19.53 0.82 -17.75
C ALA B 69 18.18 0.57 -18.44
N GLN B 70 17.08 0.80 -17.72
CA GLN B 70 15.77 0.58 -18.34
C GLN B 70 15.52 1.59 -19.45
N LYS B 71 16.00 2.81 -19.27
CA LYS B 71 15.83 3.85 -20.29
C LYS B 71 16.59 3.50 -21.56
N GLN B 72 17.78 2.95 -21.41
CA GLN B 72 18.59 2.56 -22.56
C GLN B 72 17.88 1.47 -23.35
N TYR B 73 17.26 0.55 -22.62
CA TYR B 73 16.52 -0.55 -23.26
C TYR B 73 15.30 0.01 -24.00
N TRP B 74 14.57 0.91 -23.34
CA TRP B 74 13.39 1.51 -23.97
C TRP B 74 13.76 2.21 -25.26
N LYS B 75 14.79 3.05 -25.21
CA LYS B 75 15.25 3.78 -26.39
C LYS B 75 15.64 2.84 -27.51
N ALA B 76 16.38 1.80 -27.15
CA ALA B 76 16.84 0.81 -28.11
C ALA B 76 15.68 0.16 -28.85
N LYS B 77 14.66 -0.27 -28.12
CA LYS B 77 13.53 -0.90 -28.79
C LYS B 77 12.72 0.12 -29.57
N GLN B 78 13.01 1.41 -29.35
CA GLN B 78 12.32 2.48 -30.06
C GLN B 78 12.92 2.66 -31.45
N THR B 79 14.17 2.24 -31.59
CA THR B 79 14.86 2.34 -32.87
C THR B 79 14.74 1.03 -33.64
N LYS B 80 14.03 0.07 -33.04
CA LYS B 80 13.82 -1.24 -33.65
C LYS B 80 12.95 -1.14 -34.89
N LYS B 83 14.70 -6.83 -41.44
CA LYS B 83 14.38 -5.63 -40.67
C LYS B 83 15.27 -5.50 -39.44
N GLU B 84 15.46 -6.60 -38.73
CA GLU B 84 16.30 -6.59 -37.53
C GLU B 84 17.62 -7.32 -37.76
N LYS B 85 18.71 -6.57 -37.79
CA LYS B 85 20.04 -7.14 -37.98
C LYS B 85 20.40 -8.00 -36.78
N ILE B 86 20.96 -9.18 -37.04
CA ILE B 86 21.35 -10.09 -35.96
C ILE B 86 22.14 -9.35 -34.87
N ALA B 87 23.12 -8.56 -35.29
CA ALA B 87 23.94 -7.82 -34.35
C ALA B 87 23.07 -6.99 -33.39
N ASP B 88 22.13 -6.24 -33.93
CA ASP B 88 21.25 -5.41 -33.12
C ASP B 88 20.36 -6.27 -32.23
N VAL B 89 20.08 -7.49 -32.68
CA VAL B 89 19.26 -8.40 -31.90
C VAL B 89 20.03 -8.71 -30.62
N VAL B 90 21.32 -8.99 -30.78
CA VAL B 90 22.18 -9.31 -29.64
C VAL B 90 22.29 -8.12 -28.71
N LEU B 91 22.49 -6.93 -29.27
CA LEU B 91 22.60 -5.72 -28.47
C LEU B 91 21.32 -5.48 -27.67
N LEU B 92 20.18 -5.52 -28.36
CA LEU B 92 18.91 -5.31 -27.70
C LEU B 92 18.73 -6.29 -26.55
N GLN B 93 19.17 -7.52 -26.76
CA GLN B 93 19.07 -8.56 -25.74
C GLN B 93 19.96 -8.20 -24.55
N LYS B 94 21.14 -7.65 -24.84
CA LYS B 94 22.07 -7.23 -23.81
C LYS B 94 21.47 -6.10 -22.97
N LEU B 95 20.89 -5.13 -23.65
CA LEU B 95 20.28 -3.99 -22.96
C LEU B 95 19.08 -4.46 -22.14
N GLN B 96 18.31 -5.40 -22.69
CA GLN B 96 17.14 -5.92 -21.99
C GLN B 96 17.57 -6.52 -20.67
N HIS B 97 18.65 -7.28 -20.70
CA HIS B 97 19.15 -7.94 -19.49
C HIS B 97 19.56 -6.95 -18.42
N ALA B 98 20.30 -5.91 -18.83
CA ALA B 98 20.74 -4.90 -17.88
C ALA B 98 19.52 -4.25 -17.21
N ALA B 99 18.46 -4.07 -17.99
CA ALA B 99 17.24 -3.47 -17.46
C ALA B 99 16.62 -4.40 -16.42
N GLN B 100 16.62 -5.69 -16.72
CA GLN B 100 16.05 -6.69 -15.80
C GLN B 100 16.82 -6.72 -14.49
N MET B 101 18.15 -6.70 -14.57
CA MET B 101 18.97 -6.72 -13.37
C MET B 101 18.74 -5.45 -12.54
N GLU B 102 18.59 -4.32 -13.23
CA GLU B 102 18.37 -3.05 -12.55
C GLU B 102 17.05 -3.07 -11.76
N GLN B 103 15.99 -3.59 -12.39
CA GLN B 103 14.70 -3.68 -11.72
C GLN B 103 14.86 -4.58 -10.50
N LYS B 104 15.64 -5.63 -10.66
CA LYS B 104 15.89 -6.57 -9.57
C LYS B 104 16.63 -5.87 -8.44
N GLN B 105 17.67 -5.12 -8.79
CA GLN B 105 18.43 -4.40 -7.78
C GLN B 105 17.52 -3.41 -7.05
N ASN B 106 16.60 -2.78 -7.78
CA ASN B 106 15.67 -1.83 -7.17
C ASN B 106 14.83 -2.54 -6.10
N ASP B 107 14.31 -3.71 -6.43
CA ASP B 107 13.49 -4.47 -5.47
C ASP B 107 14.27 -4.77 -4.20
N THR B 108 15.54 -5.12 -4.36
CA THR B 108 16.42 -5.43 -3.25
C THR B 108 16.74 -4.19 -2.40
N GLU B 109 17.19 -3.14 -3.08
CA GLU B 109 17.56 -1.90 -2.41
C GLU B 109 16.39 -1.20 -1.73
N ASN B 110 15.18 -1.31 -2.29
CA ASN B 110 14.03 -0.64 -1.70
C ASN B 110 13.53 -1.28 -0.41
N LYS B 111 13.66 -2.60 -0.30
CA LYS B 111 13.23 -3.28 0.92
C LYS B 111 14.11 -2.82 2.08
N LYS B 112 15.39 -2.61 1.79
CA LYS B 112 16.34 -2.17 2.80
C LYS B 112 15.96 -0.85 3.48
N VAL B 113 15.30 0.04 2.75
CA VAL B 113 14.92 1.32 3.36
C VAL B 113 13.45 1.44 3.75
N HIS B 114 12.69 0.37 3.60
CA HIS B 114 11.29 0.38 3.97
C HIS B 114 11.20 0.88 5.42
N GLY B 115 10.35 1.87 5.66
CA GLY B 115 10.19 2.40 7.00
C GLY B 115 11.11 3.55 7.38
N ASP B 116 12.08 3.88 6.53
CA ASP B 116 12.98 4.98 6.83
C ASP B 116 12.22 6.31 6.79
N VAL B 117 12.59 7.24 7.65
CA VAL B 117 11.92 8.53 7.69
C VAL B 117 12.22 9.33 6.42
N VAL B 118 11.23 10.09 5.96
CA VAL B 118 11.40 10.90 4.76
C VAL B 118 11.80 12.30 5.20
N LYS B 119 12.90 12.82 4.66
CA LYS B 119 13.37 14.15 5.02
C LYS B 119 13.16 15.16 3.91
N TYR B 120 12.91 16.40 4.27
CA TYR B 120 12.71 17.43 3.27
C TYR B 120 13.94 17.55 2.39
N GLY B 121 13.71 17.69 1.08
CA GLY B 121 14.83 17.79 0.16
C GLY B 121 15.20 16.46 -0.45
N SER B 122 14.65 15.37 0.09
CA SER B 122 14.95 14.05 -0.45
C SER B 122 14.06 13.73 -1.65
N VAL B 123 14.43 12.68 -2.37
CA VAL B 123 13.67 12.27 -3.53
C VAL B 123 12.79 11.07 -3.21
N ILE B 124 11.54 11.11 -3.66
CA ILE B 124 10.62 10.00 -3.46
C ILE B 124 9.84 9.75 -4.74
N GLN B 125 9.05 8.69 -4.75
CA GLN B 125 8.17 8.40 -5.87
C GLN B 125 6.83 8.11 -5.20
N LEU B 126 5.74 8.40 -5.90
CA LEU B 126 4.40 8.18 -5.37
C LEU B 126 3.69 7.14 -6.21
N LEU B 127 3.40 6.00 -5.60
CA LEU B 127 2.73 4.89 -6.28
C LEU B 127 1.24 4.89 -5.98
N HIS B 128 0.42 5.12 -7.00
CA HIS B 128 -1.03 5.09 -6.81
C HIS B 128 -1.33 3.64 -6.47
N MET B 129 -1.91 3.40 -5.30
CA MET B 129 -2.17 2.05 -4.85
C MET B 129 -3.11 1.19 -5.69
N LYS B 130 -4.29 1.71 -6.03
CA LYS B 130 -5.25 0.93 -6.80
C LYS B 130 -4.74 0.50 -8.17
N SER B 131 -4.15 1.44 -8.91
CA SER B 131 -3.65 1.16 -10.26
C SER B 131 -2.23 0.59 -10.33
N ASN B 132 -1.50 0.75 -9.22
CA ASN B 132 -0.12 0.28 -9.15
C ASN B 132 0.74 0.99 -10.19
N LYS B 133 0.57 2.31 -10.27
CA LYS B 133 1.33 3.11 -11.22
C LYS B 133 1.92 4.32 -10.52
N TYR B 134 3.12 4.70 -10.95
CA TYR B 134 3.81 5.85 -10.38
C TYR B 134 3.39 7.15 -11.04
N LEU B 135 3.29 8.19 -10.23
CA LEU B 135 2.96 9.51 -10.72
C LEU B 135 4.24 9.85 -11.50
N THR B 136 4.10 10.31 -12.73
CA THR B 136 5.28 10.60 -13.53
C THR B 136 5.11 11.87 -14.36
N VAL B 137 6.14 12.71 -14.37
CA VAL B 137 6.11 13.95 -15.13
C VAL B 137 7.07 13.88 -16.31
N ASN B 138 6.55 13.98 -17.52
CA ASN B 138 7.37 13.93 -18.74
C ASN B 138 7.70 15.36 -19.17
N LYS B 139 8.93 15.79 -18.97
CA LYS B 139 9.30 17.15 -19.33
C LYS B 139 9.20 17.46 -20.82
N ARG B 140 9.26 16.44 -21.67
CA ARG B 140 9.21 16.66 -23.11
C ARG B 140 7.81 16.60 -23.73
N LEU B 141 6.78 16.55 -22.90
CA LEU B 141 5.42 16.50 -23.41
C LEU B 141 4.51 17.52 -22.75
N PRO B 142 3.82 18.34 -23.55
CA PRO B 142 2.92 19.33 -22.96
C PRO B 142 1.73 18.62 -22.30
N ALA B 143 1.15 19.23 -21.28
CA ALA B 143 0.00 18.62 -20.63
C ALA B 143 -1.10 18.59 -21.68
N LEU B 144 -2.05 17.68 -21.52
CA LEU B 144 -3.15 17.57 -22.48
C LEU B 144 -4.03 18.82 -22.55
N LEU B 145 -4.31 19.42 -21.40
CA LEU B 145 -5.17 20.61 -21.37
C LEU B 145 -4.46 21.96 -21.19
N GLU B 146 -3.61 22.07 -20.18
CA GLU B 146 -2.89 23.34 -19.96
C GLU B 146 -1.61 23.36 -20.80
N LYS B 147 -1.73 23.94 -21.99
CA LYS B 147 -0.65 24.05 -22.96
C LYS B 147 0.78 24.29 -22.46
N ASN B 148 0.98 25.35 -21.69
CA ASN B 148 2.31 25.69 -21.19
C ASN B 148 2.85 24.78 -20.09
N ALA B 149 2.04 23.84 -19.64
CA ALA B 149 2.46 22.93 -18.57
C ALA B 149 3.02 21.63 -19.13
N MET B 150 3.70 20.89 -18.26
CA MET B 150 4.29 19.61 -18.63
C MET B 150 3.34 18.51 -18.16
N ARG B 151 3.28 17.42 -18.92
CA ARG B 151 2.35 16.34 -18.62
C ARG B 151 2.64 15.40 -17.45
N VAL B 152 1.64 15.25 -16.59
CA VAL B 152 1.73 14.35 -15.46
C VAL B 152 0.88 13.14 -15.83
N THR B 153 1.45 11.95 -15.68
CA THR B 153 0.71 10.72 -16.00
C THR B 153 1.02 9.61 -15.02
N LEU B 154 0.23 8.55 -15.08
CA LEU B 154 0.43 7.38 -14.23
C LEU B 154 1.17 6.40 -15.12
N ASP B 155 2.26 5.83 -14.61
CA ASP B 155 3.06 4.89 -15.38
C ASP B 155 3.41 3.69 -14.50
N ALA B 156 3.11 2.49 -15.00
CA ALA B 156 3.36 1.26 -14.26
C ALA B 156 4.80 1.07 -13.78
N THR B 157 5.76 1.16 -14.70
CA THR B 157 7.16 0.96 -14.33
C THR B 157 7.79 2.23 -13.76
N GLY B 158 7.27 3.38 -14.17
CA GLY B 158 7.82 4.65 -13.73
C GLY B 158 9.12 4.87 -14.49
N ASN B 159 9.73 6.04 -14.31
CA ASN B 159 11.00 6.33 -14.96
C ASN B 159 11.59 7.54 -14.25
N GLU B 160 12.66 8.13 -14.79
CA GLU B 160 13.27 9.27 -14.12
C GLU B 160 12.25 10.39 -13.87
N GLY B 161 11.19 10.42 -14.67
CA GLY B 161 10.17 11.44 -14.49
C GLY B 161 9.33 11.21 -13.24
N SER B 162 9.49 10.06 -12.63
CA SER B 162 8.74 9.71 -11.42
C SER B 162 9.40 10.26 -10.16
N TRP B 163 10.66 10.69 -10.27
CA TRP B 163 11.37 11.23 -9.10
C TRP B 163 10.83 12.60 -8.71
N LEU B 164 10.49 12.75 -7.43
CA LEU B 164 9.97 14.01 -6.92
C LEU B 164 10.72 14.49 -5.68
N PHE B 165 11.13 15.74 -5.66
CA PHE B 165 11.79 16.29 -4.48
C PHE B 165 10.61 16.66 -3.58
N ILE B 166 10.68 16.35 -2.31
CA ILE B 166 9.62 16.73 -1.39
C ILE B 166 10.27 17.91 -0.67
N GLN B 167 9.80 19.10 -1.02
CA GLN B 167 10.38 20.33 -0.49
C GLN B 167 9.51 21.10 0.51
N PRO B 168 10.14 21.87 1.40
CA PRO B 168 9.43 22.64 2.41
C PRO B 168 8.53 23.73 1.86
N PHE B 169 7.36 23.89 2.48
CA PHE B 169 6.41 24.92 2.10
C PHE B 169 6.35 25.93 3.24
N TRP B 170 6.19 25.45 4.46
CA TRP B 170 6.13 26.34 5.62
C TRP B 170 7.54 26.78 6.01
N LYS B 171 7.65 28.02 6.47
CA LYS B 171 8.94 28.58 6.88
C LYS B 171 9.57 27.68 7.94
N LEU B 172 8.70 27.08 8.74
CA LEU B 172 9.09 26.20 9.83
C LEU B 172 9.95 25.00 9.41
N ARG B 173 9.78 24.54 8.18
CA ARG B 173 10.54 23.39 7.69
C ARG B 173 11.73 23.81 6.83
N SER B 174 12.78 22.97 6.85
CA SER B 174 13.98 23.21 6.06
C SER B 174 14.53 21.89 5.56
N ASN B 175 15.31 21.94 4.48
CA ASN B 175 15.89 20.73 3.94
C ASN B 175 16.65 20.05 5.07
N GLY B 176 16.51 18.73 5.17
CA GLY B 176 17.20 18.01 6.22
C GLY B 176 16.28 17.64 7.37
N ASP B 177 15.20 18.40 7.58
CA ASP B 177 14.26 18.08 8.65
C ASP B 177 13.36 16.94 8.20
N ASN B 178 12.83 16.18 9.16
CA ASN B 178 11.93 15.09 8.82
C ASN B 178 10.60 15.69 8.40
N VAL B 179 9.96 15.04 7.44
CA VAL B 179 8.66 15.51 6.97
C VAL B 179 7.65 15.03 8.01
N VAL B 180 6.82 15.94 8.50
CA VAL B 180 5.83 15.62 9.50
C VAL B 180 4.48 15.36 8.84
N VAL B 181 3.79 14.29 9.25
CA VAL B 181 2.48 13.98 8.69
C VAL B 181 1.60 15.21 8.92
N GLY B 182 0.82 15.57 7.91
CA GLY B 182 -0.05 16.73 8.05
C GLY B 182 0.59 17.96 7.46
N ASP B 183 1.89 17.90 7.18
CA ASP B 183 2.58 19.04 6.58
C ASP B 183 2.10 19.29 5.17
N LYS B 184 2.14 20.56 4.76
CA LYS B 184 1.80 20.94 3.40
C LYS B 184 3.20 20.98 2.79
N VAL B 185 3.38 20.35 1.65
CA VAL B 185 4.69 20.33 1.03
C VAL B 185 4.62 20.67 -0.45
N ILE B 186 5.77 20.93 -1.05
CA ILE B 186 5.82 21.20 -2.48
C ILE B 186 6.42 19.94 -3.07
N LEU B 187 5.77 19.41 -4.10
CA LEU B 187 6.28 18.22 -4.78
C LEU B 187 6.85 18.72 -6.09
N ASN B 188 8.17 18.63 -6.20
CA ASN B 188 8.87 19.13 -7.38
C ASN B 188 9.60 18.03 -8.14
N PRO B 189 9.11 17.65 -9.33
CA PRO B 189 9.77 16.61 -10.13
C PRO B 189 11.22 16.96 -10.40
N VAL B 190 12.10 16.01 -10.12
CA VAL B 190 13.54 16.19 -10.30
C VAL B 190 13.93 16.56 -11.74
N ASN B 191 13.37 15.83 -12.70
CA ASN B 191 13.70 16.06 -14.10
C ASN B 191 12.96 17.24 -14.74
N ALA B 192 11.65 17.31 -14.55
CA ALA B 192 10.86 18.41 -15.13
C ALA B 192 11.22 19.79 -14.57
N GLY B 193 11.46 19.88 -13.27
CA GLY B 193 11.84 21.16 -12.69
C GLY B 193 10.77 22.17 -12.28
N GLN B 194 9.49 21.81 -12.42
CA GLN B 194 8.39 22.69 -12.03
C GLN B 194 7.46 21.87 -11.14
N PRO B 195 6.95 22.47 -10.04
CA PRO B 195 6.05 21.82 -9.08
C PRO B 195 4.76 21.19 -9.63
N LEU B 196 4.30 20.14 -8.96
CA LEU B 196 3.06 19.48 -9.32
C LEU B 196 1.97 20.51 -9.04
N HIS B 197 1.12 20.72 -10.03
CA HIS B 197 0.09 21.75 -9.98
C HIS B 197 -1.34 21.27 -10.10
N ALA B 198 -2.19 21.76 -9.20
CA ALA B 198 -3.61 21.44 -9.24
C ALA B 198 -4.23 22.57 -10.04
N SER B 199 -4.43 22.35 -11.33
CA SER B 199 -4.97 23.39 -12.20
C SER B 199 -6.49 23.45 -12.13
N ASN B 200 -7.06 24.45 -12.80
CA ASN B 200 -8.50 24.60 -12.84
C ASN B 200 -9.01 24.28 -14.26
N TYR B 201 -8.22 23.50 -14.99
CA TYR B 201 -8.60 23.09 -16.33
C TYR B 201 -9.51 21.88 -16.25
N GLU B 202 -10.78 22.10 -16.54
CA GLU B 202 -11.80 21.06 -16.51
C GLU B 202 -11.67 20.04 -17.63
N LEU B 203 -11.89 18.77 -17.28
CA LEU B 203 -11.86 17.70 -18.27
C LEU B 203 -13.29 17.59 -18.79
N SER B 204 -13.48 17.89 -20.07
CA SER B 204 -14.80 17.85 -20.68
C SER B 204 -15.49 16.50 -20.56
N ASP B 205 -14.70 15.43 -20.65
CA ASP B 205 -15.24 14.07 -20.58
C ASP B 205 -15.44 13.54 -19.17
N ASN B 206 -15.03 14.33 -18.17
CA ASN B 206 -15.20 13.95 -16.77
C ASN B 206 -15.52 15.21 -15.97
N ALA B 207 -16.76 15.66 -16.07
CA ALA B 207 -17.22 16.86 -15.40
C ALA B 207 -16.87 16.91 -13.92
N GLY B 208 -16.32 18.04 -13.49
CA GLY B 208 -15.95 18.20 -12.10
C GLY B 208 -14.49 17.91 -11.82
N CYS B 209 -13.83 17.18 -12.72
CA CYS B 209 -12.43 16.84 -12.54
C CYS B 209 -11.49 17.85 -13.20
N LYS B 210 -10.45 18.22 -12.48
CA LYS B 210 -9.47 19.19 -12.99
C LYS B 210 -8.12 18.52 -13.22
N GLU B 211 -7.45 18.93 -14.29
CA GLU B 211 -6.16 18.36 -14.64
C GLU B 211 -5.02 18.68 -13.68
N VAL B 212 -4.23 17.66 -13.37
CA VAL B 212 -3.06 17.85 -12.54
C VAL B 212 -1.92 17.84 -13.54
N ASN B 213 -1.06 18.85 -13.47
CA ASN B 213 0.07 18.95 -14.39
C ASN B 213 1.30 19.51 -13.68
N SER B 214 2.35 19.79 -14.44
CA SER B 214 3.59 20.32 -13.87
C SER B 214 3.91 21.67 -14.49
N VAL B 215 3.97 22.71 -13.66
CA VAL B 215 4.24 24.05 -14.15
C VAL B 215 4.53 25.00 -12.99
N ASN B 216 5.16 26.13 -13.29
CA ASN B 216 5.48 27.12 -12.27
C ASN B 216 4.20 27.49 -11.52
N CYS B 217 4.18 27.22 -10.23
CA CYS B 217 3.01 27.51 -9.42
C CYS B 217 3.33 27.44 -7.95
N ASN B 218 2.35 27.75 -7.11
CA ASN B 218 2.52 27.73 -5.66
C ASN B 218 1.62 26.69 -4.99
N THR B 219 1.21 25.68 -5.74
CA THR B 219 0.36 24.63 -5.19
C THR B 219 1.09 23.88 -4.07
N SER B 220 0.42 23.66 -2.95
CA SER B 220 1.01 22.90 -1.85
C SER B 220 0.20 21.60 -1.75
N TRP B 221 0.79 20.58 -1.16
CA TRP B 221 0.11 19.29 -1.01
C TRP B 221 0.17 18.86 0.45
N LYS B 222 -0.99 18.69 1.07
CA LYS B 222 -1.03 18.26 2.47
C LYS B 222 -1.02 16.74 2.50
N ILE B 223 -0.03 16.19 3.20
CA ILE B 223 0.11 14.74 3.29
C ILE B 223 -0.53 14.20 4.56
N ASN B 224 -1.49 13.29 4.40
CA ASN B 224 -2.14 12.68 5.55
C ASN B 224 -2.12 11.17 5.45
N LEU B 225 -2.07 10.49 6.59
CA LEU B 225 -2.08 9.04 6.62
C LEU B 225 -3.52 8.56 6.47
N PHE B 226 -3.73 7.26 6.40
CA PHE B 226 -5.07 6.72 6.25
C PHE B 226 -5.69 6.24 7.58
#